data_3OCI
#
_entry.id   3OCI
#
_cell.length_a   104.400
_cell.length_b   104.400
_cell.length_c   129.060
_cell.angle_alpha   90.00
_cell.angle_beta   90.00
_cell.angle_gamma   120.00
#
_symmetry.space_group_name_H-M   'H 3'
#
loop_
_entity.id
_entity.type
_entity.pdbx_description
1 polymer 'TRANSCRIPTION INITIATION FACTOR TFIID (TFIID-1)'
2 non-polymer 1,2-ETHANEDIOL
3 water water
#
_entity_poly.entity_id   1
_entity_poly.type   'polypeptide(L)'
_entity_poly.pdbx_seq_one_letter_code
;MGSSHHHHHHSSGLVPRGSHMDAPDISYEHQETSVPNRSGIIPTLQNVVATVNLSCKLDLKNIALRARNAEYNPKRFAAV
IMRIREPKTTALIFASGKMVITGAKSEKSSRMAAQRYAKIIHKLGFNATFDDFKIQNIVSSCDIKFSIRLEGLAYAHSNY
CSYEPELFPGLIYRMVKPKIVLLIFVSGKIVLTGAKVRDDIYQAFNNIYPVLIQHRKA
;
_entity_poly.pdbx_strand_id   A,B
#
loop_
_chem_comp.id
_chem_comp.type
_chem_comp.name
_chem_comp.formula
EDO non-polymer 1,2-ETHANEDIOL 'C2 H6 O2'
#
# COMPACT_ATOMS: atom_id res chain seq x y z
N SER A 39 17.37 4.23 13.12
CA SER A 39 16.93 3.99 11.74
C SER A 39 18.11 3.99 10.78
N GLY A 40 18.50 2.81 10.33
CA GLY A 40 19.61 2.67 9.41
C GLY A 40 19.19 2.59 7.95
N ILE A 41 20.20 2.51 7.08
CA ILE A 41 19.99 2.36 5.65
C ILE A 41 19.51 0.95 5.29
N ILE A 42 20.07 -0.05 5.98
CA ILE A 42 19.59 -1.43 5.83
C ILE A 42 18.31 -1.64 6.63
N PRO A 43 17.28 -2.20 5.99
CA PRO A 43 15.98 -2.40 6.65
C PRO A 43 16.09 -3.10 8.00
N THR A 44 15.46 -2.50 9.00
CA THR A 44 15.37 -3.08 10.34
C THR A 44 13.96 -3.68 10.51
N LEU A 45 13.85 -4.92 10.98
CA LEU A 45 12.52 -5.51 11.17
C LEU A 45 11.78 -4.80 12.30
N GLN A 46 10.55 -4.40 12.03
CA GLN A 46 9.77 -3.65 13.01
C GLN A 46 8.71 -4.53 13.65
N ASN A 47 8.20 -5.49 12.88
CA ASN A 47 7.19 -6.41 13.37
C ASN A 47 7.18 -7.69 12.54
N VAL A 48 7.03 -8.80 13.24
CA VAL A 48 6.88 -10.09 12.61
C VAL A 48 5.57 -10.66 13.14
N VAL A 49 4.71 -11.08 12.23
CA VAL A 49 3.46 -11.73 12.60
C VAL A 49 3.50 -13.19 12.20
N ALA A 50 3.16 -14.06 13.16
CA ALA A 50 3.15 -15.50 12.92
C ALA A 50 1.83 -16.12 13.36
N THR A 51 1.54 -17.30 12.85
CA THR A 51 0.36 -18.03 13.28
C THR A 51 0.77 -19.44 13.68
N VAL A 52 0.00 -20.04 14.58
CA VAL A 52 0.15 -21.44 14.91
C VAL A 52 -1.22 -22.00 15.20
N ASN A 53 -1.36 -23.30 14.95
CA ASN A 53 -2.60 -23.97 15.21
C ASN A 53 -2.49 -24.77 16.51
N LEU A 54 -3.38 -24.50 17.44
CA LEU A 54 -3.45 -25.32 18.63
C LEU A 54 -4.37 -26.50 18.28
N SER A 55 -4.04 -27.67 18.78
CA SER A 55 -4.78 -28.87 18.37
C SER A 55 -6.21 -28.91 18.92
N CYS A 56 -6.53 -28.02 19.86
CA CYS A 56 -7.80 -28.11 20.60
CA CYS A 56 -7.83 -28.11 20.54
C CYS A 56 -8.54 -26.77 20.65
N LYS A 57 -9.86 -26.84 20.77
CA LYS A 57 -10.66 -25.65 21.03
C LYS A 57 -10.43 -25.25 22.48
N LEU A 58 -10.36 -23.95 22.74
CA LEU A 58 -10.07 -23.41 24.06
C LEU A 58 -11.22 -22.57 24.57
N ASP A 59 -11.45 -22.61 25.88
CA ASP A 59 -12.47 -21.78 26.51
C ASP A 59 -11.86 -20.43 26.80
N LEU A 60 -12.19 -19.43 26.00
CA LEU A 60 -11.51 -18.14 26.05
C LEU A 60 -11.74 -17.40 27.39
N LYS A 61 -12.97 -17.43 27.87
CA LYS A 61 -13.29 -16.82 29.16
C LYS A 61 -12.41 -17.41 30.26
N ASN A 62 -12.22 -18.71 30.20
CA ASN A 62 -11.49 -19.38 31.27
C ASN A 62 -9.98 -19.14 31.19
N ILE A 63 -9.46 -19.03 29.97
CA ILE A 63 -8.05 -18.64 29.82
C ILE A 63 -7.84 -17.26 30.43
N ALA A 64 -8.74 -16.33 30.11
CA ALA A 64 -8.62 -14.97 30.64
C ALA A 64 -8.72 -14.92 32.17
N LEU A 65 -9.58 -15.76 32.75
CA LEU A 65 -9.71 -15.83 34.21
C LEU A 65 -8.41 -16.31 34.86
N ARG A 66 -7.90 -17.44 34.37
N ARG A 66 -7.91 -17.45 34.38
CA ARG A 66 -6.76 -18.11 35.01
CA ARG A 66 -6.76 -18.13 34.98
C ARG A 66 -5.39 -17.50 34.70
C ARG A 66 -5.42 -17.42 34.75
N ALA A 67 -5.27 -16.82 33.57
CA ALA A 67 -3.98 -16.27 33.15
C ALA A 67 -3.69 -14.92 33.79
N ARG A 68 -2.45 -14.76 34.24
CA ARG A 68 -2.00 -13.54 34.91
C ARG A 68 -2.02 -12.34 33.98
N ASN A 69 -1.74 -12.55 32.70
CA ASN A 69 -1.74 -11.41 31.80
C ASN A 69 -2.46 -11.64 30.49
N ALA A 70 -3.74 -11.94 30.59
CA ALA A 70 -4.57 -12.19 29.43
C ALA A 70 -5.96 -11.67 29.73
N GLU A 71 -6.62 -11.16 28.71
CA GLU A 71 -7.95 -10.58 28.90
C GLU A 71 -8.83 -11.10 27.78
N TYR A 72 -10.13 -11.11 28.03
CA TYR A 72 -11.09 -11.47 27.00
C TYR A 72 -12.32 -10.57 27.10
N ASN A 73 -12.49 -9.71 26.11
CA ASN A 73 -13.64 -8.81 26.02
C ASN A 73 -14.20 -8.94 24.61
N PRO A 74 -15.10 -9.91 24.40
CA PRO A 74 -15.54 -10.25 23.04
C PRO A 74 -16.22 -9.09 22.30
N LYS A 75 -16.70 -8.08 23.01
CA LYS A 75 -17.29 -6.92 22.34
C LYS A 75 -16.22 -5.96 21.83
N ARG A 76 -15.01 -6.12 22.33
CA ARG A 76 -13.90 -5.25 21.98
C ARG A 76 -12.97 -5.94 20.98
N PHE A 77 -12.82 -7.26 21.12
CA PHE A 77 -11.96 -8.05 20.24
C PHE A 77 -12.31 -9.53 20.40
N ALA A 78 -12.47 -10.24 19.28
CA ALA A 78 -12.98 -11.62 19.33
C ALA A 78 -11.91 -12.68 19.58
N ALA A 79 -11.04 -12.43 20.55
CA ALA A 79 -9.98 -13.38 20.90
C ALA A 79 -9.46 -13.00 22.27
N VAL A 80 -8.84 -13.96 22.94
CA VAL A 80 -8.09 -13.66 24.13
C VAL A 80 -6.83 -12.92 23.73
N ILE A 81 -6.52 -11.86 24.46
CA ILE A 81 -5.28 -11.12 24.26
C ILE A 81 -4.36 -11.42 25.45
N MET A 82 -3.24 -12.07 25.15
CA MET A 82 -2.28 -12.43 26.17
C MET A 82 -0.95 -11.77 25.83
N ARG A 83 -0.26 -11.26 26.84
CA ARG A 83 0.99 -10.55 26.60
C ARG A 83 2.12 -11.01 27.50
N ILE A 84 3.31 -11.16 26.94
N ILE A 84 3.31 -11.15 26.91
CA ILE A 84 4.48 -11.43 27.76
CA ILE A 84 4.55 -11.43 27.61
C ILE A 84 5.44 -10.24 27.65
C ILE A 84 5.36 -10.14 27.68
N ARG A 85 6.08 -9.91 28.78
CA ARG A 85 6.84 -8.67 28.90
C ARG A 85 8.23 -8.64 28.26
N GLU A 86 8.96 -9.76 28.31
CA GLU A 86 10.34 -9.74 27.81
C GLU A 86 10.70 -10.95 26.93
N PRO A 87 10.92 -10.70 25.63
CA PRO A 87 10.67 -9.41 24.99
C PRO A 87 9.17 -9.16 24.81
N LYS A 88 8.79 -7.91 24.56
CA LYS A 88 7.38 -7.57 24.40
C LYS A 88 6.74 -8.19 23.17
N THR A 89 5.81 -9.12 23.40
CA THR A 89 4.98 -9.63 22.32
C THR A 89 3.54 -9.73 22.77
N THR A 90 2.65 -9.99 21.82
CA THR A 90 1.24 -10.17 22.09
C THR A 90 0.76 -11.42 21.38
N ALA A 91 -0.04 -12.23 22.06
CA ALA A 91 -0.69 -13.36 21.40
C ALA A 91 -2.20 -13.14 21.33
N LEU A 92 -2.77 -13.47 20.17
CA LEU A 92 -4.22 -13.41 20.00
C LEU A 92 -4.67 -14.86 19.90
N ILE A 93 -5.47 -15.28 20.87
CA ILE A 93 -5.87 -16.69 20.95
C ILE A 93 -7.35 -16.82 20.62
N PHE A 94 -7.63 -17.49 19.52
CA PHE A 94 -8.99 -17.58 19.00
C PHE A 94 -9.70 -18.85 19.44
N ALA A 95 -11.03 -18.81 19.47
CA ALA A 95 -11.84 -19.93 19.92
C ALA A 95 -11.53 -21.18 19.09
N SER A 96 -11.33 -21.00 17.80
CA SER A 96 -10.97 -22.09 16.90
C SER A 96 -9.69 -22.83 17.29
N GLY A 97 -8.91 -22.28 18.21
CA GLY A 97 -7.63 -22.85 18.59
C GLY A 97 -6.44 -22.23 17.83
N LYS A 98 -6.75 -21.39 16.84
CA LYS A 98 -5.72 -20.66 16.11
C LYS A 98 -5.12 -19.55 16.99
N MET A 99 -3.81 -19.35 16.89
CA MET A 99 -3.13 -18.31 17.65
C MET A 99 -2.30 -17.43 16.71
N VAL A 100 -2.42 -16.13 16.88
CA VAL A 100 -1.60 -15.19 16.11
C VAL A 100 -0.60 -14.57 17.09
N ILE A 101 0.67 -14.55 16.72
CA ILE A 101 1.69 -13.96 17.58
C ILE A 101 2.21 -12.72 16.90
N THR A 102 2.27 -11.61 17.62
CA THR A 102 2.70 -10.36 16.98
C THR A 102 3.62 -9.57 17.90
N GLY A 103 4.34 -8.62 17.34
CA GLY A 103 5.22 -7.77 18.12
C GLY A 103 6.68 -8.20 18.14
N ALA A 104 6.98 -9.40 17.67
CA ALA A 104 8.37 -9.88 17.65
C ALA A 104 9.21 -9.15 16.61
N LYS A 105 10.51 -9.05 16.86
CA LYS A 105 11.43 -8.28 16.00
C LYS A 105 12.31 -9.15 15.11
N SER A 106 12.09 -10.46 15.18
CA SER A 106 12.80 -11.40 14.31
C SER A 106 12.02 -12.68 14.21
N GLU A 107 12.37 -13.47 13.21
CA GLU A 107 11.80 -14.78 13.02
C GLU A 107 12.09 -15.69 14.22
N LYS A 108 13.32 -15.62 14.74
CA LYS A 108 13.70 -16.43 15.89
C LYS A 108 12.92 -16.03 17.15
N SER A 109 12.78 -14.73 17.38
N SER A 109 12.80 -14.73 17.39
CA SER A 109 12.07 -14.23 18.54
CA SER A 109 12.05 -14.23 18.55
C SER A 109 10.57 -14.52 18.43
C SER A 109 10.57 -14.58 18.42
N SER A 110 10.08 -14.61 17.19
CA SER A 110 8.68 -14.93 16.96
C SER A 110 8.42 -16.38 17.37
N ARG A 111 9.33 -17.26 16.96
CA ARG A 111 9.16 -18.67 17.27
C ARG A 111 9.30 -18.93 18.76
N MET A 112 10.28 -18.30 19.40
N MET A 112 10.27 -18.29 19.40
CA MET A 112 10.46 -18.45 20.84
CA MET A 112 10.47 -18.44 20.84
C MET A 112 9.23 -17.96 21.59
C MET A 112 9.25 -17.93 21.61
N ALA A 113 8.65 -16.85 21.14
CA ALA A 113 7.46 -16.30 21.79
C ALA A 113 6.29 -17.28 21.69
N ALA A 114 6.07 -17.80 20.49
CA ALA A 114 5.02 -18.77 20.25
C ALA A 114 5.18 -19.99 21.17
N GLN A 115 6.41 -20.47 21.32
CA GLN A 115 6.68 -21.58 22.22
C GLN A 115 6.34 -21.23 23.67
N ARG A 116 6.66 -20.00 24.07
CA ARG A 116 6.36 -19.55 25.44
C ARG A 116 4.86 -19.46 25.72
N TYR A 117 4.11 -18.91 24.77
CA TYR A 117 2.65 -18.85 24.90
C TYR A 117 2.05 -20.26 24.96
N ALA A 118 2.56 -21.18 24.15
CA ALA A 118 2.04 -22.54 24.17
C ALA A 118 2.23 -23.17 25.54
N LYS A 119 3.43 -22.98 26.09
CA LYS A 119 3.79 -23.48 27.41
C LYS A 119 2.92 -22.86 28.52
N ILE A 120 2.64 -21.57 28.42
CA ILE A 120 1.71 -20.89 29.33
C ILE A 120 0.31 -21.51 29.27
N ILE A 121 -0.17 -21.74 28.06
CA ILE A 121 -1.49 -22.33 27.85
C ILE A 121 -1.52 -23.78 28.39
N HIS A 122 -0.42 -24.49 28.21
N HIS A 122 -0.44 -24.51 28.19
CA HIS A 122 -0.33 -25.87 28.69
CA HIS A 122 -0.32 -25.87 28.73
C HIS A 122 -0.27 -25.94 30.21
C HIS A 122 -0.44 -25.81 30.24
N LYS A 123 0.38 -24.96 30.84
CA LYS A 123 0.45 -24.86 32.29
C LYS A 123 -0.88 -24.43 32.93
N LEU A 124 -1.77 -23.88 32.12
CA LEU A 124 -3.12 -23.50 32.55
C LEU A 124 -4.07 -24.69 32.50
N GLY A 125 -3.61 -25.79 31.92
CA GLY A 125 -4.35 -27.04 31.94
C GLY A 125 -5.03 -27.44 30.64
N PHE A 126 -4.80 -26.69 29.57
CA PHE A 126 -5.39 -27.02 28.27
C PHE A 126 -4.49 -27.97 27.47
N ASN A 127 -5.10 -28.81 26.65
CA ASN A 127 -4.38 -29.83 25.89
C ASN A 127 -3.96 -29.37 24.50
N ALA A 128 -3.20 -28.29 24.45
CA ALA A 128 -2.81 -27.71 23.18
C ALA A 128 -1.50 -28.31 22.68
N THR A 129 -1.34 -28.37 21.36
CA THR A 129 -0.04 -28.72 20.79
C THR A 129 0.47 -27.55 19.94
N PHE A 130 1.75 -27.59 19.60
CA PHE A 130 2.36 -26.53 18.80
C PHE A 130 2.48 -26.99 17.36
N ASP A 131 1.49 -26.63 16.53
CA ASP A 131 1.48 -27.15 15.17
C ASP A 131 1.44 -26.07 14.09
N ASP A 132 2.22 -26.29 13.03
CA ASP A 132 2.19 -25.47 11.82
C ASP A 132 2.56 -24.02 12.07
N PHE A 133 3.61 -23.78 12.85
CA PHE A 133 4.09 -22.41 13.01
C PHE A 133 4.43 -21.84 11.64
N LYS A 134 3.97 -20.63 11.35
CA LYS A 134 4.28 -20.02 10.07
C LYS A 134 4.35 -18.50 10.19
N ILE A 135 5.42 -17.92 9.65
CA ILE A 135 5.51 -16.46 9.52
C ILE A 135 4.57 -15.99 8.41
N GLN A 136 3.67 -15.07 8.74
CA GLN A 136 2.69 -14.56 7.77
C GLN A 136 3.10 -13.20 7.15
N ASN A 137 3.78 -12.38 7.93
CA ASN A 137 4.13 -11.04 7.47
C ASN A 137 5.31 -10.51 8.26
N ILE A 138 6.16 -9.77 7.58
CA ILE A 138 7.26 -9.05 8.22
C ILE A 138 7.24 -7.62 7.71
N VAL A 139 7.20 -6.67 8.64
CA VAL A 139 7.24 -5.25 8.32
C VAL A 139 8.58 -4.69 8.79
N SER A 140 9.17 -3.82 7.97
N SER A 140 9.18 -3.85 7.95
CA SER A 140 10.48 -3.27 8.28
CA SER A 140 10.52 -3.30 8.21
C SER A 140 10.59 -1.84 7.77
C SER A 140 10.57 -1.83 7.78
N SER A 141 11.61 -1.13 8.22
CA SER A 141 11.79 0.26 7.83
C SER A 141 13.26 0.60 7.70
N CYS A 142 13.54 1.64 6.94
CA CYS A 142 14.88 2.18 6.89
C CYS A 142 14.83 3.64 6.55
N ASP A 143 16.00 4.27 6.55
CA ASP A 143 16.07 5.70 6.37
C ASP A 143 17.25 6.00 5.46
N ILE A 144 16.97 6.52 4.26
CA ILE A 144 18.04 6.80 3.32
C ILE A 144 18.72 8.14 3.55
N LYS A 145 18.18 8.91 4.50
CA LYS A 145 18.74 10.21 4.91
C LYS A 145 18.88 11.26 3.81
N PHE A 146 17.96 11.24 2.87
CA PHE A 146 17.76 12.38 1.99
C PHE A 146 16.29 12.44 1.61
N SER A 147 15.85 13.61 1.20
CA SER A 147 14.46 13.81 0.81
C SER A 147 14.22 13.33 -0.60
N ILE A 148 13.00 12.87 -0.86
CA ILE A 148 12.63 12.33 -2.16
C ILE A 148 11.53 13.16 -2.82
N ARG A 149 11.68 13.49 -4.09
CA ARG A 149 10.62 14.14 -4.84
C ARG A 149 9.65 13.04 -5.28
N LEU A 150 8.65 12.78 -4.47
CA LEU A 150 7.72 11.69 -4.72
C LEU A 150 6.98 11.85 -6.06
N GLU A 151 6.72 13.09 -6.46
CA GLU A 151 6.02 13.31 -7.74
C GLU A 151 6.85 12.78 -8.91
N GLY A 152 8.17 12.96 -8.84
CA GLY A 152 9.02 12.51 -9.92
C GLY A 152 9.05 10.99 -10.01
N LEU A 153 9.13 10.35 -8.86
CA LEU A 153 9.14 8.91 -8.82
C LEU A 153 7.80 8.33 -9.33
N ALA A 154 6.70 8.92 -8.86
CA ALA A 154 5.35 8.48 -9.25
C ALA A 154 5.10 8.55 -10.75
N TYR A 155 5.50 9.65 -11.38
CA TYR A 155 5.18 9.81 -12.79
C TYR A 155 6.20 9.14 -13.69
N ALA A 156 7.32 8.74 -13.12
CA ALA A 156 8.29 7.94 -13.86
C ALA A 156 7.91 6.46 -13.82
N HIS A 157 7.16 6.06 -12.80
CA HIS A 157 6.87 4.64 -12.62
C HIS A 157 5.40 4.42 -12.26
N SER A 158 4.50 5.02 -13.03
CA SER A 158 3.09 5.07 -12.66
C SER A 158 2.36 3.73 -12.72
N ASN A 159 2.92 2.75 -13.43
CA ASN A 159 2.36 1.40 -13.44
C ASN A 159 2.75 0.54 -12.23
N TYR A 160 3.70 1.03 -11.42
CA TYR A 160 4.12 0.31 -10.21
C TYR A 160 3.74 1.01 -8.92
N CYS A 161 3.38 2.29 -8.99
CA CYS A 161 3.11 2.97 -7.73
C CYS A 161 1.96 3.98 -7.81
N SER A 162 1.49 4.39 -6.63
CA SER A 162 0.41 5.36 -6.51
C SER A 162 0.82 6.42 -5.52
N TYR A 163 0.51 7.67 -5.85
CA TYR A 163 0.80 8.79 -4.98
C TYR A 163 -0.35 9.78 -5.05
N GLU A 164 -1.08 9.91 -3.95
CA GLU A 164 -2.27 10.77 -3.89
C GLU A 164 -2.35 11.32 -2.47
N PRO A 165 -1.59 12.39 -2.19
CA PRO A 165 -1.49 12.86 -0.81
C PRO A 165 -2.82 13.37 -0.23
N GLU A 166 -3.78 13.68 -1.09
CA GLU A 166 -5.12 14.02 -0.61
C GLU A 166 -5.77 12.81 0.08
N LEU A 167 -5.34 11.61 -0.33
CA LEU A 167 -5.98 10.39 0.12
C LEU A 167 -5.12 9.59 1.11
N PHE A 168 -3.80 9.67 0.97
N PHE A 168 -3.80 9.66 0.97
CA PHE A 168 -2.89 8.94 1.83
CA PHE A 168 -2.89 8.90 1.83
C PHE A 168 -1.53 9.62 1.82
C PHE A 168 -1.46 9.44 1.77
N PRO A 169 -0.76 9.46 2.90
CA PRO A 169 0.56 10.09 2.92
C PRO A 169 1.56 9.20 2.22
N GLY A 170 2.51 9.80 1.54
CA GLY A 170 3.57 9.01 0.93
C GLY A 170 3.16 8.16 -0.27
N LEU A 171 4.15 7.52 -0.89
CA LEU A 171 3.96 6.85 -2.15
C LEU A 171 3.94 5.34 -1.96
N ILE A 172 2.98 4.66 -2.59
CA ILE A 172 2.82 3.21 -2.44
C ILE A 172 3.36 2.50 -3.67
N TYR A 173 4.39 1.68 -3.49
CA TYR A 173 5.06 1.03 -4.61
C TYR A 173 4.84 -0.47 -4.50
N ARG A 174 4.14 -1.04 -5.48
CA ARG A 174 3.87 -2.48 -5.49
C ARG A 174 4.95 -3.18 -6.31
N MET A 175 5.94 -3.74 -5.61
CA MET A 175 7.01 -4.49 -6.27
C MET A 175 6.54 -5.91 -6.59
N VAL A 176 6.92 -6.43 -7.74
CA VAL A 176 6.46 -7.76 -8.14
C VAL A 176 7.52 -8.82 -7.83
N LYS A 177 8.78 -8.50 -8.09
CA LYS A 177 9.89 -9.40 -7.77
C LYS A 177 10.90 -8.73 -6.84
N PRO A 178 10.90 -9.09 -5.54
CA PRO A 178 9.95 -10.00 -4.86
C PRO A 178 8.65 -9.29 -4.57
N LYS A 179 7.69 -10.04 -4.01
N LYS A 179 7.68 -10.02 -4.01
CA LYS A 179 6.35 -9.52 -3.74
CA LYS A 179 6.33 -9.47 -3.79
C LYS A 179 6.36 -8.67 -2.47
C LYS A 179 6.28 -8.66 -2.51
N ILE A 180 6.60 -7.38 -2.63
CA ILE A 180 6.69 -6.49 -1.48
C ILE A 180 5.97 -5.18 -1.77
N VAL A 181 5.26 -4.64 -0.78
CA VAL A 181 4.73 -3.30 -0.96
C VAL A 181 5.58 -2.31 -0.17
N LEU A 182 6.12 -1.30 -0.85
CA LEU A 182 6.95 -0.31 -0.19
C LEU A 182 6.17 0.97 -0.03
N LEU A 183 6.35 1.62 1.12
CA LEU A 183 5.77 2.93 1.37
C LEU A 183 6.94 3.89 1.43
N ILE A 184 6.92 4.89 0.55
CA ILE A 184 8.07 5.77 0.38
C ILE A 184 7.65 7.18 0.74
N PHE A 185 8.36 7.77 1.69
CA PHE A 185 7.97 9.07 2.25
C PHE A 185 8.93 10.17 1.84
N VAL A 186 8.41 11.40 1.76
CA VAL A 186 9.22 12.54 1.33
C VAL A 186 10.50 12.65 2.16
N SER A 187 10.41 12.32 3.45
CA SER A 187 11.54 12.46 4.37
C SER A 187 12.71 11.52 4.07
N GLY A 188 12.47 10.51 3.23
CA GLY A 188 13.48 9.49 3.00
C GLY A 188 13.29 8.27 3.88
N LYS A 189 12.26 8.27 4.72
CA LYS A 189 11.87 7.04 5.42
C LYS A 189 11.16 6.09 4.47
N ILE A 190 11.51 4.81 4.57
CA ILE A 190 10.96 3.76 3.73
C ILE A 190 10.38 2.67 4.62
N VAL A 191 9.17 2.23 4.32
CA VAL A 191 8.62 1.08 5.02
C VAL A 191 8.39 -0.04 4.01
N LEU A 192 8.82 -1.25 4.34
CA LEU A 192 8.65 -2.40 3.47
C LEU A 192 7.68 -3.39 4.13
N THR A 193 6.63 -3.78 3.40
CA THR A 193 5.57 -4.60 3.98
C THR A 193 5.34 -5.84 3.13
N GLY A 194 4.79 -6.89 3.74
CA GLY A 194 4.34 -8.04 2.99
C GLY A 194 5.34 -9.17 2.83
N ALA A 195 6.50 -9.06 3.47
CA ALA A 195 7.54 -10.06 3.28
C ALA A 195 7.23 -11.32 4.10
N LYS A 196 7.64 -12.48 3.60
CA LYS A 196 7.48 -13.73 4.35
C LYS A 196 8.82 -14.25 4.85
N VAL A 197 9.90 -13.80 4.18
CA VAL A 197 11.25 -14.08 4.62
C VAL A 197 12.11 -12.83 4.50
N ARG A 198 13.09 -12.74 5.39
CA ARG A 198 13.96 -11.57 5.51
C ARG A 198 14.65 -11.24 4.19
N ASP A 199 15.09 -12.26 3.46
CA ASP A 199 15.81 -12.06 2.22
C ASP A 199 15.04 -11.22 1.21
N ASP A 200 13.71 -11.38 1.18
CA ASP A 200 12.89 -10.61 0.25
C ASP A 200 12.88 -9.12 0.62
N ILE A 201 12.96 -8.82 1.91
CA ILE A 201 13.05 -7.44 2.34
C ILE A 201 14.32 -6.78 1.80
N TYR A 202 15.45 -7.44 2.01
CA TYR A 202 16.72 -6.88 1.54
C TYR A 202 16.76 -6.75 0.02
N GLN A 203 16.27 -7.76 -0.68
CA GLN A 203 16.28 -7.70 -2.14
C GLN A 203 15.38 -6.59 -2.66
N ALA A 204 14.22 -6.41 -2.02
CA ALA A 204 13.30 -5.34 -2.44
C ALA A 204 13.98 -4.00 -2.25
N PHE A 205 14.67 -3.83 -1.13
CA PHE A 205 15.34 -2.55 -0.91
C PHE A 205 16.51 -2.34 -1.89
N ASN A 206 17.29 -3.40 -2.14
CA ASN A 206 18.31 -3.29 -3.18
C ASN A 206 17.72 -2.86 -4.53
N ASN A 207 16.55 -3.38 -4.87
CA ASN A 207 15.87 -3.01 -6.11
C ASN A 207 15.44 -1.55 -6.19
N ILE A 208 14.88 -1.04 -5.09
CA ILE A 208 14.32 0.31 -5.09
C ILE A 208 15.38 1.41 -4.92
N TYR A 209 16.47 1.09 -4.25
CA TYR A 209 17.43 2.14 -3.88
C TYR A 209 17.93 2.98 -5.08
N PRO A 210 18.27 2.33 -6.21
CA PRO A 210 18.77 3.11 -7.34
C PRO A 210 17.67 3.99 -7.96
N VAL A 211 16.41 3.63 -7.71
CA VAL A 211 15.30 4.47 -8.15
C VAL A 211 15.16 5.69 -7.26
N LEU A 212 15.29 5.49 -5.95
CA LEU A 212 15.20 6.58 -4.99
C LEU A 212 16.29 7.63 -5.23
N ILE A 213 17.51 7.17 -5.51
CA ILE A 213 18.60 8.12 -5.70
C ILE A 213 18.37 9.00 -6.92
N GLN A 214 17.64 8.49 -7.91
CA GLN A 214 17.27 9.27 -9.08
C GLN A 214 16.29 10.40 -8.76
N HIS A 215 15.62 10.33 -7.62
CA HIS A 215 14.63 11.34 -7.29
C HIS A 215 14.89 12.15 -6.03
N ARG A 216 16.17 12.29 -5.68
N ARG A 216 16.18 12.30 -5.70
CA ARG A 216 16.57 13.05 -4.51
CA ARG A 216 16.62 13.09 -4.57
C ARG A 216 16.26 14.54 -4.66
C ARG A 216 16.17 14.55 -4.69
N LYS A 217 15.88 15.18 -3.56
CA LYS A 217 15.68 16.63 -3.55
C LYS A 217 16.29 17.30 -2.31
N SER B 39 -19.14 10.70 -1.83
CA SER B 39 -18.51 9.40 -1.61
C SER B 39 -19.54 8.29 -1.47
N GLY B 40 -19.67 7.48 -2.52
CA GLY B 40 -20.63 6.39 -2.51
C GLY B 40 -20.02 5.05 -2.13
N ILE B 41 -20.89 4.04 -2.06
CA ILE B 41 -20.48 2.68 -1.77
C ILE B 41 -19.75 2.03 -2.95
N ILE B 42 -20.19 2.34 -4.17
CA ILE B 42 -19.50 1.87 -5.37
C ILE B 42 -18.31 2.79 -5.63
N PRO B 43 -17.12 2.21 -5.86
CA PRO B 43 -15.91 3.00 -6.08
C PRO B 43 -16.05 4.08 -7.15
N THR B 44 -15.67 5.30 -6.81
CA THR B 44 -15.65 6.42 -7.73
C THR B 44 -14.20 6.65 -8.16
N LEU B 45 -13.94 6.78 -9.46
CA LEU B 45 -12.56 7.03 -9.91
C LEU B 45 -12.09 8.41 -9.47
N GLN B 46 -10.92 8.47 -8.87
CA GLN B 46 -10.40 9.74 -8.35
C GLN B 46 -9.30 10.29 -9.23
N ASN B 47 -8.55 9.38 -9.85
CA ASN B 47 -7.47 9.76 -10.75
C ASN B 47 -7.16 8.64 -11.72
N VAL B 48 -6.91 9.02 -12.96
CA VAL B 48 -6.47 8.10 -13.99
C VAL B 48 -5.15 8.68 -14.52
N VAL B 49 -4.13 7.83 -14.58
CA VAL B 49 -2.84 8.21 -15.14
C VAL B 49 -2.58 7.43 -16.41
N ALA B 50 -2.22 8.15 -17.46
CA ALA B 50 -1.96 7.54 -18.76
C ALA B 50 -0.64 8.03 -19.31
N THR B 51 -0.09 7.27 -20.25
CA THR B 51 1.13 7.69 -20.92
C THR B 51 0.92 7.62 -22.43
N VAL B 52 1.67 8.45 -23.15
CA VAL B 52 1.70 8.35 -24.60
C VAL B 52 3.09 8.69 -25.05
N ASN B 53 3.47 8.13 -26.20
CA ASN B 53 4.78 8.42 -26.76
C ASN B 53 4.63 9.41 -27.90
N LEU B 54 5.35 10.52 -27.79
CA LEU B 54 5.41 11.44 -28.91
C LEU B 54 6.55 10.93 -29.81
N SER B 55 6.36 11.04 -31.12
CA SER B 55 7.31 10.49 -32.07
CA SER B 55 7.31 10.49 -32.07
C SER B 55 8.65 11.21 -32.07
N CYS B 56 8.71 12.40 -31.46
CA CYS B 56 9.92 13.21 -31.56
C CYS B 56 10.38 13.80 -30.24
N LYS B 57 11.67 14.10 -30.17
CA LYS B 57 12.23 14.82 -29.03
C LYS B 57 11.76 16.26 -29.10
N LEU B 58 11.44 16.84 -27.95
CA LEU B 58 10.90 18.20 -27.86
C LEU B 58 11.83 19.09 -27.06
N ASP B 59 11.89 20.36 -27.45
CA ASP B 59 12.68 21.35 -26.74
C ASP B 59 11.81 21.88 -25.59
N LEU B 60 12.09 21.44 -24.37
CA LEU B 60 11.19 21.72 -23.24
C LEU B 60 11.13 23.21 -22.91
N LYS B 61 12.28 23.86 -22.95
N LYS B 61 12.27 23.88 -22.93
CA LYS B 61 12.36 25.29 -22.67
CA LYS B 61 12.31 25.31 -22.65
C LYS B 61 11.49 26.07 -23.65
C LYS B 61 11.42 26.05 -23.66
N ASN B 62 11.48 25.64 -24.91
CA ASN B 62 10.74 26.35 -25.94
C ASN B 62 9.23 26.09 -25.86
N ILE B 63 8.85 24.88 -25.49
CA ILE B 63 7.44 24.60 -25.24
C ILE B 63 6.92 25.52 -24.12
N ALA B 64 7.69 25.61 -23.03
CA ALA B 64 7.29 26.46 -21.91
C ALA B 64 7.20 27.95 -22.31
N LEU B 65 8.12 28.41 -23.16
CA LEU B 65 8.07 29.79 -23.64
C LEU B 65 6.79 30.10 -24.45
N ARG B 66 6.49 29.24 -25.41
CA ARG B 66 5.43 29.51 -26.38
C ARG B 66 4.03 29.17 -25.86
N ALA B 67 3.95 28.21 -24.94
CA ALA B 67 2.66 27.71 -24.46
C ALA B 67 2.07 28.63 -23.40
N ARG B 68 0.78 28.90 -23.53
N ARG B 68 0.78 28.89 -23.53
CA ARG B 68 0.10 29.81 -22.62
CA ARG B 68 0.06 29.79 -22.64
C ARG B 68 0.01 29.27 -21.21
C ARG B 68 0.02 29.26 -21.22
N ASN B 69 -0.11 27.95 -21.06
CA ASN B 69 -0.19 27.38 -19.73
C ASN B 69 0.73 26.19 -19.48
N ALA B 70 2.01 26.41 -19.67
CA ALA B 70 3.02 25.39 -19.43
C ALA B 70 4.25 26.05 -18.84
N GLU B 71 4.95 25.32 -17.99
CA GLU B 71 6.12 25.86 -17.32
C GLU B 71 7.21 24.81 -17.38
N TYR B 72 8.46 25.27 -17.30
CA TYR B 72 9.59 24.34 -17.23
C TYR B 72 10.63 24.88 -16.27
N ASN B 73 10.79 24.18 -15.14
CA ASN B 73 11.78 24.53 -14.11
C ASN B 73 12.52 23.26 -13.75
N PRO B 74 13.56 22.94 -14.52
CA PRO B 74 14.23 21.65 -14.39
C PRO B 74 14.81 21.37 -13.00
N LYS B 75 15.02 22.40 -12.19
CA LYS B 75 15.48 22.17 -10.82
C LYS B 75 14.34 21.75 -9.89
N ARG B 76 13.10 22.00 -10.34
CA ARG B 76 11.91 21.70 -9.54
C ARG B 76 11.24 20.42 -10.01
N PHE B 77 11.32 20.16 -11.32
CA PHE B 77 10.71 18.97 -11.93
C PHE B 77 11.26 18.79 -13.33
N ALA B 78 11.67 17.57 -13.67
CA ALA B 78 12.39 17.33 -14.93
C ALA B 78 11.49 17.11 -16.15
N ALA B 79 10.47 17.96 -16.30
CA ALA B 79 9.56 17.86 -17.43
C ALA B 79 8.82 19.18 -17.55
N VAL B 80 8.29 19.46 -18.73
CA VAL B 80 7.34 20.54 -18.88
C VAL B 80 6.04 20.14 -18.19
N ILE B 81 5.47 21.07 -17.44
CA ILE B 81 4.17 20.88 -16.84
C ILE B 81 3.17 21.77 -17.57
N MET B 82 2.21 21.14 -18.24
CA MET B 82 1.21 21.85 -19.01
C MET B 82 -0.16 21.49 -18.45
N ARG B 83 -1.04 22.48 -18.33
CA ARG B 83 -2.35 22.22 -17.74
C ARG B 83 -3.48 22.77 -18.57
N ILE B 84 -4.56 22.00 -18.71
N ILE B 84 -4.55 21.98 -18.68
CA ILE B 84 -5.76 22.51 -19.34
CA ILE B 84 -5.80 22.36 -19.31
C ILE B 84 -6.88 22.58 -18.30
C ILE B 84 -6.82 22.64 -18.20
N ARG B 85 -7.69 23.62 -18.39
CA ARG B 85 -8.66 23.96 -17.34
C ARG B 85 -9.95 23.14 -17.30
N GLU B 86 -10.49 22.75 -18.46
CA GLU B 86 -11.77 22.05 -18.47
C GLU B 86 -11.83 20.85 -19.41
N PRO B 87 -11.92 19.64 -18.83
CA PRO B 87 -11.81 19.41 -17.38
C PRO B 87 -10.35 19.55 -16.91
N LYS B 88 -10.16 19.70 -15.60
CA LYS B 88 -8.81 19.89 -15.06
C LYS B 88 -7.92 18.66 -15.23
N THR B 89 -6.89 18.79 -16.05
CA THR B 89 -5.88 17.74 -16.13
C THR B 89 -4.51 18.38 -16.16
N THR B 90 -3.48 17.55 -16.03
CA THR B 90 -2.10 18.01 -16.11
C THR B 90 -1.34 17.07 -17.03
N ALA B 91 -0.50 17.64 -17.90
CA ALA B 91 0.40 16.81 -18.70
C ALA B 91 1.85 17.05 -18.29
N LEU B 92 2.61 15.97 -18.20
CA LEU B 92 4.03 16.04 -17.91
C LEU B 92 4.73 15.64 -19.18
N ILE B 93 5.47 16.57 -19.77
CA ILE B 93 6.08 16.35 -21.08
C ILE B 93 7.60 16.24 -20.92
N PHE B 94 8.12 15.06 -21.23
CA PHE B 94 9.53 14.76 -21.00
C PHE B 94 10.37 14.97 -22.24
N ALA B 95 11.66 15.21 -22.04
CA ALA B 95 12.57 15.49 -23.14
C ALA B 95 12.57 14.33 -24.12
N SER B 96 12.51 13.11 -23.59
CA SER B 96 12.45 11.89 -24.41
C SER B 96 11.27 11.86 -25.40
N GLY B 97 10.31 12.75 -25.23
CA GLY B 97 9.09 12.75 -26.04
C GLY B 97 7.93 12.01 -25.39
N LYS B 98 8.20 11.33 -24.27
CA LYS B 98 7.16 10.67 -23.49
C LYS B 98 6.28 11.70 -22.77
N MET B 99 4.98 11.43 -22.71
CA MET B 99 4.06 12.32 -22.02
C MET B 99 3.22 11.53 -21.02
N VAL B 100 3.09 12.06 -19.81
CA VAL B 100 2.24 11.46 -18.80
C VAL B 100 1.05 12.39 -18.59
N ILE B 101 -0.16 11.84 -18.65
CA ILE B 101 -1.36 12.64 -18.45
C ILE B 101 -2.01 12.23 -17.14
N THR B 102 -2.32 13.20 -16.30
CA THR B 102 -2.87 12.87 -14.98
C THR B 102 -4.01 13.80 -14.61
N GLY B 103 -4.80 13.39 -13.62
CA GLY B 103 -5.89 14.24 -13.17
C GLY B 103 -7.25 13.89 -13.76
N ALA B 104 -7.28 13.07 -14.81
CA ALA B 104 -8.57 12.71 -15.43
C ALA B 104 -9.39 11.77 -14.53
N LYS B 105 -10.71 11.81 -14.69
CA LYS B 105 -11.63 11.06 -13.81
C LYS B 105 -12.23 9.85 -14.50
N SER B 106 -11.82 9.59 -15.73
CA SER B 106 -12.25 8.40 -16.44
C SER B 106 -11.26 8.09 -17.55
N GLU B 107 -11.35 6.88 -18.04
CA GLU B 107 -10.56 6.43 -19.16
C GLU B 107 -10.85 7.28 -20.40
N LYS B 108 -12.12 7.58 -20.65
CA LYS B 108 -12.52 8.40 -21.80
C LYS B 108 -11.97 9.81 -21.70
N SER B 109 -12.09 10.38 -20.50
CA SER B 109 -11.63 11.73 -20.26
C SER B 109 -10.10 11.81 -20.35
N SER B 110 -9.43 10.72 -19.99
CA SER B 110 -7.98 10.64 -20.06
C SER B 110 -7.54 10.69 -21.53
N ARG B 111 -8.22 9.92 -22.36
CA ARG B 111 -7.86 9.85 -23.78
C ARG B 111 -8.15 11.16 -24.48
N MET B 112 -9.28 11.79 -24.16
N MET B 112 -9.27 11.79 -24.14
CA MET B 112 -9.60 13.09 -24.74
CA MET B 112 -9.61 13.09 -24.73
C MET B 112 -8.57 14.15 -24.35
C MET B 112 -8.61 14.17 -24.33
N ALA B 113 -8.15 14.11 -23.09
CA ALA B 113 -7.14 15.07 -22.60
C ALA B 113 -5.83 14.89 -23.36
N ALA B 114 -5.38 13.64 -23.49
CA ALA B 114 -4.17 13.32 -24.22
C ALA B 114 -4.23 13.86 -25.66
N GLN B 115 -5.37 13.67 -26.31
CA GLN B 115 -5.57 14.19 -27.65
C GLN B 115 -5.49 15.71 -27.70
N ARG B 116 -6.05 16.37 -26.70
CA ARG B 116 -5.99 17.85 -26.62
C ARG B 116 -4.57 18.38 -26.42
N TYR B 117 -3.79 17.74 -25.55
CA TYR B 117 -2.40 18.12 -25.35
C TYR B 117 -1.58 17.89 -26.62
N ALA B 118 -1.84 16.79 -27.32
CA ALA B 118 -1.11 16.52 -28.56
C ALA B 118 -1.36 17.64 -29.57
N LYS B 119 -2.63 18.03 -29.67
CA LYS B 119 -3.06 19.09 -30.58
C LYS B 119 -2.45 20.45 -30.22
N ILE B 120 -2.35 20.73 -28.93
CA ILE B 120 -1.68 21.93 -28.43
C ILE B 120 -0.22 21.94 -28.84
N ILE B 121 0.45 20.81 -28.63
CA ILE B 121 1.86 20.68 -28.97
C ILE B 121 2.08 20.80 -30.50
N HIS B 122 1.13 20.26 -31.27
N HIS B 122 1.15 20.23 -31.28
CA HIS B 122 1.22 20.33 -32.72
CA HIS B 122 1.20 20.37 -32.73
C HIS B 122 0.99 21.75 -33.23
C HIS B 122 1.12 21.83 -33.10
N LYS B 123 0.09 22.49 -32.57
CA LYS B 123 -0.16 23.88 -32.92
C LYS B 123 0.99 24.82 -32.53
N LEU B 124 1.87 24.35 -31.65
CA LEU B 124 3.07 25.09 -31.26
C LEU B 124 4.20 24.88 -32.26
N GLY B 125 3.99 23.97 -33.20
CA GLY B 125 4.93 23.77 -34.29
C GLY B 125 5.84 22.54 -34.20
N PHE B 126 5.62 21.68 -33.21
CA PHE B 126 6.41 20.46 -33.08
C PHE B 126 5.77 19.29 -33.85
N ASN B 127 6.61 18.38 -34.34
CA ASN B 127 6.16 17.28 -35.18
C ASN B 127 5.86 16.01 -34.39
N ALA B 128 4.95 16.13 -33.44
CA ALA B 128 4.62 15.01 -32.57
C ALA B 128 3.50 14.15 -33.17
N THR B 129 3.51 12.87 -32.86
CA THR B 129 2.36 12.02 -33.19
C THR B 129 1.78 11.44 -31.90
N PHE B 130 0.57 10.89 -31.99
CA PHE B 130 -0.11 10.33 -30.83
C PHE B 130 0.04 8.81 -30.87
N ASP B 131 1.05 8.30 -30.17
CA ASP B 131 1.32 6.86 -30.26
C ASP B 131 1.30 6.11 -28.93
N ASP B 132 0.71 4.93 -28.93
N ASP B 132 0.79 4.89 -29.02
CA ASP B 132 0.76 4.02 -27.80
CA ASP B 132 0.61 3.96 -27.90
C ASP B 132 0.10 4.55 -26.53
C ASP B 132 0.12 4.57 -26.58
N PHE B 133 -1.03 5.21 -26.64
CA PHE B 133 -1.74 5.65 -25.45
C PHE B 133 -2.01 4.44 -24.56
N LYS B 134 -1.71 4.57 -23.28
CA LYS B 134 -1.96 3.46 -22.36
C LYS B 134 -2.30 3.98 -20.97
N ILE B 135 -3.37 3.45 -20.39
CA ILE B 135 -3.68 3.70 -18.98
C ILE B 135 -2.72 2.92 -18.09
N GLN B 136 -2.02 3.62 -17.18
CA GLN B 136 -1.03 2.99 -16.31
C GLN B 136 -1.57 2.72 -14.91
N ASN B 137 -2.46 3.58 -14.43
CA ASN B 137 -2.97 3.42 -13.07
C ASN B 137 -4.32 4.12 -12.94
N ILE B 138 -5.19 3.52 -12.14
CA ILE B 138 -6.47 4.14 -11.78
C ILE B 138 -6.62 4.05 -10.27
N VAL B 139 -6.83 5.20 -9.62
CA VAL B 139 -7.10 5.26 -8.20
C VAL B 139 -8.55 5.63 -7.96
N SER B 140 -9.17 5.00 -6.97
N SER B 140 -9.18 4.96 -7.00
CA SER B 140 -10.58 5.22 -6.69
CA SER B 140 -10.60 5.13 -6.71
C SER B 140 -10.85 5.10 -5.20
C SER B 140 -10.84 5.12 -5.21
N SER B 141 -12.02 5.57 -4.79
CA SER B 141 -12.37 5.53 -3.38
C SER B 141 -13.87 5.27 -3.21
N CYS B 142 -14.23 4.75 -2.05
CA CYS B 142 -15.63 4.64 -1.68
C CYS B 142 -15.76 4.73 -0.18
N ASP B 143 -17.00 4.71 0.27
CA ASP B 143 -17.29 4.89 1.68
C ASP B 143 -18.39 3.91 2.07
N ILE B 144 -18.06 2.97 2.95
CA ILE B 144 -19.02 1.95 3.36
C ILE B 144 -19.94 2.44 4.49
N LYS B 145 -19.66 3.63 5.00
CA LYS B 145 -20.46 4.29 6.05
C LYS B 145 -20.64 3.50 7.35
N PHE B 146 -19.61 2.75 7.71
CA PHE B 146 -19.51 2.25 9.09
C PHE B 146 -18.03 2.14 9.44
N SER B 147 -17.76 2.12 10.72
CA SER B 147 -16.37 2.05 11.17
C SER B 147 -15.87 0.61 11.17
N ILE B 148 -14.57 0.44 10.97
CA ILE B 148 -13.97 -0.89 10.85
C ILE B 148 -12.95 -1.09 11.97
N ARG B 149 -13.02 -2.23 12.64
CA ARG B 149 -11.98 -2.60 13.60
C ARG B 149 -10.79 -3.16 12.82
N LEU B 150 -9.84 -2.29 12.49
CA LEU B 150 -8.73 -2.67 11.61
C LEU B 150 -7.85 -3.76 12.23
N GLU B 151 -7.75 -3.78 13.55
CA GLU B 151 -6.96 -4.83 14.22
C GLU B 151 -7.55 -6.21 13.94
N GLY B 152 -8.88 -6.29 13.93
CA GLY B 152 -9.54 -7.58 13.72
C GLY B 152 -9.27 -8.08 12.31
N LEU B 153 -9.40 -7.17 11.36
CA LEU B 153 -9.18 -7.52 9.97
C LEU B 153 -7.71 -7.94 9.74
N ALA B 154 -6.79 -7.17 10.29
CA ALA B 154 -5.35 -7.43 10.14
C ALA B 154 -4.92 -8.79 10.67
N TYR B 155 -5.42 -9.17 11.85
CA TYR B 155 -4.96 -10.41 12.46
C TYR B 155 -5.73 -11.62 11.96
N ALA B 156 -6.85 -11.38 11.29
CA ALA B 156 -7.56 -12.45 10.60
C ALA B 156 -6.94 -12.74 9.23
N HIS B 157 -6.25 -11.76 8.65
CA HIS B 157 -5.77 -11.92 7.29
C HIS B 157 -4.34 -11.38 7.15
N SER B 158 -3.48 -11.80 8.08
CA SER B 158 -2.13 -11.22 8.18
C SER B 158 -1.20 -11.52 7.01
N ASN B 159 -1.52 -12.53 6.20
CA ASN B 159 -0.72 -12.81 5.00
C ASN B 159 -1.11 -11.96 3.78
N TYR B 160 -2.21 -11.22 3.90
CA TYR B 160 -2.67 -10.32 2.83
C TYR B 160 -2.57 -8.84 3.15
N CYS B 161 -2.40 -8.51 4.42
N CYS B 161 -2.50 -8.51 4.43
CA CYS B 161 -2.40 -7.10 4.74
CA CYS B 161 -2.53 -7.09 4.81
C CYS B 161 -1.39 -6.71 5.82
C CYS B 161 -1.58 -6.68 5.96
N SER B 162 -1.18 -5.41 5.95
CA SER B 162 -0.32 -4.86 6.99
C SER B 162 -1.02 -3.70 7.67
N TYR B 163 -0.90 -3.65 8.99
CA TYR B 163 -1.46 -2.56 9.77
C TYR B 163 -0.48 -2.17 10.87
N GLU B 164 0.08 -0.97 10.76
CA GLU B 164 1.09 -0.48 11.70
C GLU B 164 0.88 1.03 11.82
N PRO B 165 -0.07 1.46 12.66
CA PRO B 165 -0.40 2.88 12.70
C PRO B 165 0.74 3.78 13.19
N GLU B 166 1.73 3.21 13.86
CA GLU B 166 2.93 3.98 14.20
C GLU B 166 3.67 4.41 12.93
N LEU B 167 3.51 3.63 11.86
CA LEU B 167 4.28 3.84 10.64
C LEU B 167 3.46 4.42 9.49
N PHE B 168 2.17 4.09 9.46
N PHE B 168 2.18 4.10 9.44
CA PHE B 168 1.30 4.57 8.39
CA PHE B 168 1.30 4.56 8.36
C PHE B 168 -0.14 4.50 8.87
C PHE B 168 -0.17 4.39 8.72
N PRO B 169 -1.01 5.37 8.33
CA PRO B 169 -2.41 5.34 8.75
C PRO B 169 -3.15 4.27 7.98
N GLY B 170 -4.10 3.63 8.63
CA GLY B 170 -4.93 2.66 7.93
C GLY B 170 -4.24 1.37 7.53
N LEU B 171 -5.03 0.46 6.98
CA LEU B 171 -4.56 -0.90 6.74
C LEU B 171 -4.32 -1.12 5.26
N ILE B 172 -3.18 -1.73 4.92
CA ILE B 172 -2.83 -1.95 3.51
C ILE B 172 -3.07 -3.40 3.13
N TYR B 173 -3.99 -3.62 2.18
CA TYR B 173 -4.40 -4.97 1.78
C TYR B 173 -3.93 -5.23 0.34
N ARG B 174 -3.03 -6.20 0.17
CA ARG B 174 -2.54 -6.58 -1.16
C ARG B 174 -3.39 -7.72 -1.74
N MET B 175 -4.35 -7.37 -2.59
CA MET B 175 -5.18 -8.37 -3.24
C MET B 175 -4.45 -8.96 -4.44
N VAL B 176 -4.59 -10.25 -4.65
CA VAL B 176 -3.89 -10.91 -5.73
C VAL B 176 -4.78 -11.07 -6.96
N LYS B 177 -6.03 -11.45 -6.73
CA LYS B 177 -7.01 -11.55 -7.82
C LYS B 177 -8.23 -10.67 -7.56
N PRO B 178 -8.34 -9.53 -8.29
CA PRO B 178 -7.35 -8.97 -9.23
C PRO B 178 -6.22 -8.28 -8.48
N LYS B 179 -5.23 -7.81 -9.23
N LYS B 179 -5.22 -7.80 -9.22
CA LYS B 179 -4.03 -7.18 -8.66
CA LYS B 179 -4.01 -7.22 -8.60
C LYS B 179 -4.33 -5.76 -8.23
C LYS B 179 -4.25 -5.77 -8.18
N ILE B 180 -4.77 -5.60 -6.98
CA ILE B 180 -5.14 -4.28 -6.49
C ILE B 180 -4.62 -4.09 -5.08
N VAL B 181 -4.13 -2.89 -4.75
CA VAL B 181 -3.82 -2.62 -3.37
C VAL B 181 -4.90 -1.73 -2.75
N LEU B 182 -5.50 -2.20 -1.65
CA LEU B 182 -6.55 -1.45 -1.01
C LEU B 182 -6.03 -0.81 0.26
N LEU B 183 -6.45 0.43 0.50
CA LEU B 183 -6.13 1.10 1.75
C LEU B 183 -7.45 1.22 2.50
N ILE B 184 -7.49 0.65 3.69
CA ILE B 184 -8.72 0.52 4.46
C ILE B 184 -8.59 1.31 5.75
N PHE B 185 -9.50 2.27 5.94
CA PHE B 185 -9.41 3.20 7.05
C PHE B 185 -10.49 2.95 8.11
N VAL B 186 -10.16 3.30 9.36
N VAL B 186 -10.18 3.28 9.37
CA VAL B 186 -11.09 3.08 10.48
CA VAL B 186 -11.13 3.03 10.45
C VAL B 186 -12.46 3.68 10.20
C VAL B 186 -12.48 3.66 10.16
N SER B 187 -12.48 4.81 9.50
CA SER B 187 -13.72 5.54 9.23
C SER B 187 -14.67 4.81 8.28
N GLY B 188 -14.17 3.78 7.59
CA GLY B 188 -14.96 3.13 6.56
C GLY B 188 -14.68 3.66 5.17
N LYS B 189 -13.77 4.62 5.06
CA LYS B 189 -13.29 5.04 3.75
C LYS B 189 -12.31 4.00 3.19
N ILE B 190 -12.46 3.68 1.92
CA ILE B 190 -11.64 2.70 1.24
C ILE B 190 -11.01 3.35 0.03
N VAL B 191 -9.71 3.15 -0.16
CA VAL B 191 -9.06 3.59 -1.40
C VAL B 191 -8.52 2.38 -2.14
N LEU B 192 -8.80 2.28 -3.44
CA LEU B 192 -8.32 1.18 -4.25
C LEU B 192 -7.29 1.72 -5.26
N THR B 193 -6.11 1.09 -5.30
CA THR B 193 -5.03 1.61 -6.12
C THR B 193 -4.50 0.50 -7.02
N GLY B 194 -3.84 0.88 -8.11
CA GLY B 194 -3.13 -0.06 -8.95
C GLY B 194 -3.90 -0.70 -10.10
N ALA B 195 -5.13 -0.25 -10.33
CA ALA B 195 -5.96 -0.87 -11.36
C ALA B 195 -5.56 -0.38 -12.73
N LYS B 196 -5.69 -1.23 -13.74
CA LYS B 196 -5.43 -0.82 -15.13
C LYS B 196 -6.72 -0.72 -15.93
N VAL B 197 -7.76 -1.41 -15.45
CA VAL B 197 -9.10 -1.28 -16.00
C VAL B 197 -10.13 -1.21 -14.89
N ARG B 198 -11.19 -0.46 -15.15
CA ARG B 198 -12.26 -0.20 -14.20
C ARG B 198 -12.82 -1.48 -13.58
N ASP B 199 -12.98 -2.51 -14.41
CA ASP B 199 -13.59 -3.76 -13.94
C ASP B 199 -12.84 -4.37 -12.77
N ASP B 200 -11.53 -4.21 -12.75
CA ASP B 200 -10.73 -4.75 -11.65
C ASP B 200 -11.00 -4.01 -10.34
N ILE B 201 -11.30 -2.72 -10.44
CA ILE B 201 -11.67 -1.95 -9.25
C ILE B 201 -12.96 -2.49 -8.64
N TYR B 202 -13.97 -2.69 -9.48
CA TYR B 202 -15.24 -3.18 -8.96
C TYR B 202 -15.12 -4.59 -8.39
N GLN B 203 -14.39 -5.45 -9.11
N GLN B 203 -14.40 -5.47 -9.08
CA GLN B 203 -14.16 -6.82 -8.67
CA GLN B 203 -14.26 -6.84 -8.58
C GLN B 203 -13.45 -6.86 -7.32
C GLN B 203 -13.45 -6.87 -7.28
N ALA B 204 -12.44 -6.01 -7.17
CA ALA B 204 -11.67 -5.96 -5.92
C ALA B 204 -12.58 -5.55 -4.77
N PHE B 205 -13.42 -4.55 -5.02
CA PHE B 205 -14.31 -4.10 -3.95
C PHE B 205 -15.37 -5.17 -3.63
N ASN B 206 -15.88 -5.83 -4.67
N ASN B 206 -15.90 -5.83 -4.65
CA ASN B 206 -16.77 -6.96 -4.48
CA ASN B 206 -16.81 -6.94 -4.39
C ASN B 206 -16.14 -8.01 -3.56
C ASN B 206 -16.15 -8.03 -3.54
N ASN B 207 -14.85 -8.27 -3.76
CA ASN B 207 -14.12 -9.25 -2.96
C ASN B 207 -13.93 -8.86 -1.50
N ILE B 208 -13.60 -7.59 -1.26
CA ILE B 208 -13.27 -7.14 0.09
C ILE B 208 -14.53 -6.86 0.94
N TYR B 209 -15.63 -6.49 0.31
CA TYR B 209 -16.78 -6.01 1.09
C TYR B 209 -17.25 -7.00 2.17
N PRO B 210 -17.36 -8.30 1.84
CA PRO B 210 -17.83 -9.27 2.85
C PRO B 210 -16.82 -9.43 3.99
N VAL B 211 -15.57 -9.08 3.74
CA VAL B 211 -14.55 -9.10 4.79
C VAL B 211 -14.71 -7.90 5.71
N LEU B 212 -14.95 -6.73 5.13
CA LEU B 212 -15.18 -5.51 5.91
C LEU B 212 -16.39 -5.65 6.83
N ILE B 213 -17.47 -6.23 6.33
CA ILE B 213 -18.67 -6.33 7.15
C ILE B 213 -18.44 -7.20 8.36
N GLN B 214 -17.54 -8.17 8.25
CA GLN B 214 -17.16 -9.01 9.39
C GLN B 214 -16.41 -8.25 10.48
N HIS B 215 -15.91 -7.05 10.16
CA HIS B 215 -15.13 -6.33 11.15
C HIS B 215 -15.67 -4.94 11.49
N ARG B 216 -16.98 -4.79 11.36
CA ARG B 216 -17.68 -3.56 11.74
C ARG B 216 -17.54 -3.25 13.23
N LYS B 217 -17.45 -1.96 13.56
CA LYS B 217 -17.50 -1.54 14.96
C LYS B 217 -18.34 -0.27 15.16
N ALA B 218 -18.76 -0.01 16.39
CA ALA B 218 -19.52 1.21 16.69
C ALA B 218 -18.74 2.48 16.35
C1 EDO C . 8.51 -4.37 -9.56
O1 EDO C . 9.03 -5.67 -9.87
C2 EDO C . 9.27 -3.24 -10.26
O2 EDO C . 10.28 -2.71 -9.38
C1 EDO D . 0.24 8.48 -9.43
O1 EDO D . -0.72 7.88 -8.53
C2 EDO D . 1.17 7.41 -10.02
O2 EDO D . 0.47 6.31 -10.64
C1 EDO E . -0.09 0.16 -5.70
O1 EDO E . -1.23 -0.55 -6.17
C2 EDO E . 0.67 0.67 -6.92
O2 EDO E . -0.15 1.59 -7.64
C1 EDO F . -1.33 4.63 3.67
O1 EDO F . -1.24 3.52 4.57
C2 EDO F . 0.08 4.98 3.20
O2 EDO F . -0.06 5.79 2.02
C1 EDO G . 0.95 -5.39 1.89
O1 EDO G . 2.22 -5.89 1.44
C2 EDO G . 0.26 -6.54 2.61
O2 EDO G . 1.01 -6.86 3.77
C1 EDO H . -0.90 -7.72 9.89
O1 EDO H . 0.02 -8.50 9.09
C2 EDO H . -0.22 -6.66 10.79
O2 EDO H . 0.73 -5.85 10.06
#